data_1K4O
#
_entry.id   1K4O
#
_cell.length_a   53.613
_cell.length_b   88.069
_cell.length_c   43.851
_cell.angle_alpha   90.00
_cell.angle_beta   90.00
_cell.angle_gamma   90.00
#
_symmetry.space_group_name_H-M   'P 21 21 2'
#
loop_
_entity.id
_entity.type
_entity.pdbx_description
1 polymer '3,4-Dihydroxy-2-Butanone 4-Phosphate Synthase'
2 non-polymer 'SULFATE ION'
3 non-polymer 'MANGANESE (II) ION'
4 non-polymer GLYCEROL
5 water water
#
_entity_poly.entity_id   1
_entity_poly.type   'polypeptide(L)'
_entity_poly.pdbx_seq_one_letter_code
;MPSTDSIPKSNFDAIPDVIQAFKNGEFVVVLDDPSRENEADLIIAAESVTTEQMAFMVRHSSGLICAPLTPERTTALDLP
QMVTHNADPRGTAYTVSVDAEHPSTTTGISAHDRALACRMLAAPDAQPSHFRRPGHVFPLRAVAGGVRARRGHTEAGVEL
CRLAGKRPVAVISEIVDDGQEVEGRAVRAAPGMLRGDECVAFARRWGLKVCTIEDMIAHVEKTEGKLETNGSG
;
_entity_poly.pdbx_strand_id   A
#
loop_
_chem_comp.id
_chem_comp.type
_chem_comp.name
_chem_comp.formula
GOL non-polymer GLYCEROL 'C3 H8 O3'
MN non-polymer 'MANGANESE (II) ION' 'Mn 2'
SO4 non-polymer 'SULFATE ION' 'O4 S -2'
#
# COMPACT_ATOMS: atom_id res chain seq x y z
N PHE A 12 20.21 -1.46 -1.33
CA PHE A 12 18.93 -1.90 -0.71
C PHE A 12 19.12 -2.34 0.72
N ASP A 13 18.12 -2.10 1.54
CA ASP A 13 18.25 -2.53 2.90
C ASP A 13 17.89 -4.01 3.01
N ALA A 14 18.44 -4.67 4.05
CA ALA A 14 18.17 -6.07 4.31
C ALA A 14 16.75 -6.18 4.85
N ILE A 15 16.02 -7.24 4.44
CA ILE A 15 14.62 -7.41 4.83
C ILE A 15 14.34 -7.32 6.32
N PRO A 16 15.21 -7.90 7.16
CA PRO A 16 14.95 -7.78 8.61
C PRO A 16 14.87 -6.32 9.09
N ASP A 17 15.71 -5.47 8.47
CA ASP A 17 15.73 -4.07 8.83
C ASP A 17 14.49 -3.33 8.31
N VAL A 18 13.99 -3.78 7.14
CA VAL A 18 12.76 -3.22 6.58
C VAL A 18 11.60 -3.63 7.52
N ILE A 19 11.60 -4.87 7.98
CA ILE A 19 10.56 -5.34 8.89
C ILE A 19 10.51 -4.52 10.16
N GLN A 20 11.69 -4.27 10.73
CA GLN A 20 11.74 -3.49 11.97
C GLN A 20 11.17 -2.07 11.76
N ALA A 21 11.54 -1.42 10.63
CA ALA A 21 11.02 -0.09 10.37
C ALA A 21 9.51 -0.14 10.21
N PHE A 22 9.04 -1.18 9.53
CA PHE A 22 7.61 -1.34 9.31
C PHE A 22 6.87 -1.56 10.63
N LYS A 23 7.52 -2.34 11.51
CA LYS A 23 6.97 -2.59 12.84
C LYS A 23 6.86 -1.29 13.67
N ASN A 24 7.79 -0.39 13.38
CA ASN A 24 7.79 0.91 14.03
C ASN A 24 6.81 1.90 13.40
N GLY A 25 5.93 1.43 12.50
CA GLY A 25 4.94 2.34 11.92
C GLY A 25 5.47 3.27 10.86
N GLU A 26 6.64 2.97 10.28
CA GLU A 26 7.18 3.79 9.22
C GLU A 26 6.76 3.29 7.86
N PHE A 27 6.82 4.22 6.88
CA PHE A 27 6.66 3.81 5.50
C PHE A 27 7.95 3.12 5.10
N VAL A 28 7.86 2.15 4.22
CA VAL A 28 9.01 1.56 3.60
C VAL A 28 8.78 1.65 2.08
N VAL A 29 9.86 1.74 1.32
CA VAL A 29 9.79 1.89 -0.13
C VAL A 29 10.08 0.52 -0.75
N VAL A 30 9.13 0.03 -1.56
CA VAL A 30 9.26 -1.33 -2.06
C VAL A 30 9.12 -1.38 -3.58
N LEU A 31 10.15 -1.92 -4.21
CA LEU A 31 10.20 -2.02 -5.65
C LEU A 31 9.83 -3.39 -6.14
N ASP A 32 8.95 -3.47 -7.15
CA ASP A 32 8.65 -4.77 -7.71
C ASP A 32 9.71 -5.09 -8.80
N ASP A 33 9.57 -6.23 -9.50
CA ASP A 33 10.59 -6.56 -10.47
C ASP A 33 10.56 -5.63 -11.68
N PRO A 34 11.73 -5.33 -12.23
CA PRO A 34 11.81 -4.48 -13.39
C PRO A 34 11.03 -5.00 -14.60
N SER A 35 10.81 -6.32 -14.63
CA SER A 35 10.08 -6.96 -15.72
C SER A 35 8.61 -6.93 -15.45
N ARG A 36 8.17 -6.45 -14.29
CA ARG A 36 6.75 -6.42 -13.95
C ARG A 36 6.31 -4.98 -14.04
N GLU A 37 5.98 -4.28 -12.93
CA GLU A 37 5.60 -2.88 -13.09
C GLU A 37 6.84 -1.98 -13.11
N ASN A 38 7.95 -2.42 -12.48
CA ASN A 38 9.15 -1.65 -12.35
C ASN A 38 8.82 -0.38 -11.56
N GLU A 39 7.96 -0.53 -10.58
CA GLU A 39 7.51 0.59 -9.76
C GLU A 39 7.84 0.41 -8.30
N ALA A 40 8.00 1.58 -7.63
CA ALA A 40 8.19 1.54 -6.19
C ALA A 40 6.94 2.11 -5.55
N ASP A 41 6.50 1.47 -4.47
CA ASP A 41 5.38 1.99 -3.73
C ASP A 41 5.85 2.37 -2.31
N LEU A 42 5.14 3.33 -1.74
CA LEU A 42 5.25 3.61 -0.32
C LEU A 42 4.30 2.55 0.30
N ILE A 43 4.76 1.84 1.34
CA ILE A 43 3.94 0.80 1.98
C ILE A 43 4.05 1.04 3.48
N ILE A 44 2.92 1.07 4.18
CA ILE A 44 2.91 1.30 5.61
C ILE A 44 1.82 0.47 6.26
N ALA A 45 1.98 0.19 7.57
CA ALA A 45 0.93 -0.56 8.26
C ALA A 45 -0.31 0.33 8.40
N ALA A 46 -1.52 -0.17 8.11
CA ALA A 46 -2.67 0.69 8.23
C ALA A 46 -3.08 1.03 9.64
N GLU A 47 -2.79 0.12 10.58
CA GLU A 47 -3.38 0.29 11.89
C GLU A 47 -3.20 1.62 12.60
N SER A 48 -2.04 2.26 12.43
CA SER A 48 -1.83 3.55 13.08
C SER A 48 -1.37 4.64 12.09
N VAL A 49 -1.72 4.52 10.79
CA VAL A 49 -1.31 5.56 9.85
C VAL A 49 -1.89 6.89 10.27
N THR A 50 -1.03 7.91 10.37
CA THR A 50 -1.54 9.19 10.89
C THR A 50 -2.03 10.14 9.81
N THR A 51 -2.75 11.17 10.19
CA THR A 51 -3.19 12.14 9.22
C THR A 51 -2.03 12.74 8.49
N GLU A 52 -0.96 13.10 9.23
CA GLU A 52 0.22 13.72 8.66
C GLU A 52 0.99 12.76 7.77
N GLN A 53 1.02 11.48 8.14
CA GLN A 53 1.69 10.54 7.27
C GLN A 53 0.89 10.40 5.97
N MET A 54 -0.42 10.34 6.07
CA MET A 54 -1.25 10.19 4.87
C MET A 54 -1.05 11.39 3.95
N ALA A 55 -0.93 12.59 4.53
CA ALA A 55 -0.71 13.79 3.72
C ALA A 55 0.60 13.67 2.95
N PHE A 56 1.64 13.10 3.61
CA PHE A 56 2.89 12.88 2.91
C PHE A 56 2.70 11.86 1.79
N MET A 57 1.97 10.78 2.10
CA MET A 57 1.74 9.75 1.09
C MET A 57 1.02 10.32 -0.14
N VAL A 58 0.01 11.12 0.11
CA VAL A 58 -0.75 11.70 -1.00
C VAL A 58 0.14 12.62 -1.82
N ARG A 59 0.92 13.43 -1.12
CA ARG A 59 1.80 14.37 -1.81
C ARG A 59 2.81 13.71 -2.71
N HIS A 60 3.41 12.60 -2.30
CA HIS A 60 4.46 11.99 -3.07
C HIS A 60 4.07 10.82 -3.94
N SER A 61 2.83 10.37 -3.85
CA SER A 61 2.41 9.23 -4.63
C SER A 61 1.45 9.64 -5.74
N SER A 62 0.90 8.62 -6.40
CA SER A 62 -0.15 8.85 -7.41
C SER A 62 -1.43 9.40 -6.77
N GLY A 63 -1.60 9.21 -5.45
CA GLY A 63 -2.84 9.66 -4.83
C GLY A 63 -3.92 8.58 -4.82
N LEU A 64 -3.68 7.46 -5.52
CA LEU A 64 -4.63 6.37 -5.47
C LEU A 64 -4.16 5.53 -4.29
N ILE A 65 -4.73 5.82 -3.11
CA ILE A 65 -4.32 5.18 -1.85
C ILE A 65 -5.12 3.90 -1.68
N CYS A 66 -4.39 2.78 -1.67
CA CYS A 66 -4.96 1.44 -1.59
C CYS A 66 -4.64 0.83 -0.25
N ALA A 67 -5.42 -0.20 0.10
CA ALA A 67 -5.25 -0.88 1.38
C ALA A 67 -5.24 -2.36 1.22
N PRO A 68 -4.09 -2.94 0.98
CA PRO A 68 -3.96 -4.40 0.87
C PRO A 68 -4.42 -5.09 2.13
N LEU A 69 -5.20 -6.14 1.95
CA LEU A 69 -5.67 -6.92 3.07
C LEU A 69 -5.90 -8.38 2.67
N THR A 70 -6.04 -9.28 3.66
CA THR A 70 -6.19 -10.69 3.36
C THR A 70 -7.59 -11.05 2.91
N PRO A 71 -7.69 -12.22 2.27
CA PRO A 71 -9.00 -12.74 1.90
C PRO A 71 -9.87 -12.89 3.14
N GLU A 72 -9.30 -13.29 4.27
CA GLU A 72 -10.07 -13.40 5.50
C GLU A 72 -10.70 -12.05 5.90
N ARG A 73 -9.95 -10.95 5.69
CA ARG A 73 -10.47 -9.63 6.01
C ARG A 73 -11.52 -9.19 4.99
N THR A 74 -11.31 -9.54 3.71
CA THR A 74 -12.36 -9.15 2.76
C THR A 74 -13.69 -9.82 3.03
N THR A 75 -13.62 -11.07 3.54
CA THR A 75 -14.85 -11.75 3.92
C THR A 75 -15.40 -11.17 5.21
N ALA A 76 -14.55 -10.97 6.22
CA ALA A 76 -15.03 -10.43 7.48
C ALA A 76 -15.68 -9.08 7.34
N LEU A 77 -15.13 -8.24 6.48
CA LEU A 77 -15.60 -6.86 6.30
C LEU A 77 -16.56 -6.70 5.15
N ASP A 78 -16.88 -7.82 4.47
CA ASP A 78 -17.84 -7.81 3.37
C ASP A 78 -17.45 -6.82 2.29
N LEU A 79 -16.28 -7.06 1.71
CA LEU A 79 -15.71 -6.23 0.64
C LEU A 79 -15.55 -7.06 -0.62
N PRO A 80 -16.58 -7.12 -1.43
CA PRO A 80 -16.52 -7.92 -2.65
C PRO A 80 -15.63 -7.24 -3.70
N GLN A 81 -15.15 -8.01 -4.67
CA GLN A 81 -14.34 -7.46 -5.74
C GLN A 81 -15.15 -6.50 -6.57
N MET A 82 -14.50 -5.42 -6.99
CA MET A 82 -15.16 -4.40 -7.79
C MET A 82 -15.68 -5.02 -9.07
N VAL A 83 -14.92 -5.90 -9.66
CA VAL A 83 -15.40 -6.54 -10.85
C VAL A 83 -15.31 -8.05 -10.72
N THR A 84 -16.39 -8.73 -11.09
CA THR A 84 -16.51 -10.20 -11.10
C THR A 84 -15.60 -10.90 -12.11
N HIS A 85 -15.40 -10.33 -13.29
CA HIS A 85 -14.52 -10.92 -14.30
C HIS A 85 -13.40 -9.94 -14.73
N ASN A 86 -12.41 -9.83 -13.86
CA ASN A 86 -11.27 -8.93 -14.01
C ASN A 86 -10.58 -8.81 -15.37
N ALA A 87 -10.38 -7.55 -15.84
CA ALA A 87 -9.71 -7.32 -17.12
C ALA A 87 -8.33 -7.93 -17.06
N ASP A 88 -7.77 -7.95 -15.85
CA ASP A 88 -6.44 -8.53 -15.60
C ASP A 88 -6.59 -9.81 -14.72
N PRO A 89 -6.19 -10.96 -15.22
CA PRO A 89 -6.31 -12.24 -14.49
C PRO A 89 -5.39 -12.36 -13.27
N ARG A 90 -4.29 -11.64 -13.32
CA ARG A 90 -3.34 -11.61 -12.23
C ARG A 90 -3.46 -10.15 -11.82
N GLY A 91 -4.55 -9.58 -12.27
CA GLY A 91 -4.80 -8.21 -12.00
C GLY A 91 -5.01 -7.86 -10.55
N THR A 92 -4.71 -6.63 -10.28
CA THR A 92 -4.88 -6.03 -8.97
C THR A 92 -6.33 -6.31 -8.56
N ALA A 93 -6.48 -6.85 -7.37
CA ALA A 93 -7.76 -7.26 -6.85
C ALA A 93 -8.52 -6.22 -6.09
N TYR A 94 -8.91 -5.17 -6.79
CA TYR A 94 -9.64 -4.13 -6.12
C TYR A 94 -10.98 -4.62 -5.56
N THR A 95 -11.31 -4.24 -4.32
CA THR A 95 -12.66 -4.52 -3.82
C THR A 95 -13.46 -3.24 -4.11
N VAL A 96 -14.72 -3.21 -3.68
CA VAL A 96 -15.49 -1.99 -3.75
C VAL A 96 -14.71 -0.99 -2.83
N SER A 97 -14.74 0.30 -3.18
CA SER A 97 -14.06 1.35 -2.43
C SER A 97 -14.86 1.71 -1.18
N VAL A 98 -14.18 2.35 -0.22
CA VAL A 98 -14.82 2.68 1.04
C VAL A 98 -14.41 4.03 1.59
N ASP A 99 -15.27 4.52 2.49
CA ASP A 99 -15.01 5.67 3.35
C ASP A 99 -15.31 5.19 4.77
N ALA A 100 -14.75 5.87 5.77
CA ALA A 100 -15.05 5.50 7.17
C ALA A 100 -16.40 6.03 7.62
N GLU A 101 -17.18 5.16 8.27
CA GLU A 101 -18.44 5.62 8.83
C GLU A 101 -18.06 6.10 10.22
N HIS A 102 -17.84 7.39 10.37
CA HIS A 102 -17.43 7.94 11.65
C HIS A 102 -17.89 9.36 11.67
N PRO A 103 -18.21 9.93 12.82
CA PRO A 103 -18.67 11.31 12.87
C PRO A 103 -17.69 12.34 12.37
N SER A 104 -16.39 12.02 12.42
CA SER A 104 -15.40 12.99 11.96
C SER A 104 -15.16 12.98 10.45
N THR A 105 -15.72 12.01 9.76
CA THR A 105 -15.52 11.98 8.30
C THR A 105 -16.36 13.09 7.68
N THR A 106 -15.80 13.74 6.65
CA THR A 106 -16.58 14.71 5.92
C THR A 106 -16.78 14.13 4.54
N THR A 107 -15.95 14.50 3.56
CA THR A 107 -16.15 14.00 2.19
C THR A 107 -15.43 12.70 1.87
N GLY A 108 -14.57 12.23 2.78
CA GLY A 108 -13.85 11.01 2.52
C GLY A 108 -12.50 11.14 1.84
N ILE A 109 -12.21 12.31 1.25
CA ILE A 109 -10.96 12.44 0.51
C ILE A 109 -9.77 13.04 1.26
N SER A 110 -10.01 13.79 2.31
CA SER A 110 -8.88 14.43 2.96
C SER A 110 -7.88 13.43 3.51
N ALA A 111 -6.68 13.90 3.77
CA ALA A 111 -5.69 13.03 4.45
C ALA A 111 -6.26 12.49 5.74
N HIS A 112 -6.98 13.33 6.51
CA HIS A 112 -7.57 12.85 7.75
C HIS A 112 -8.51 11.69 7.49
N ASP A 113 -9.43 11.91 6.52
CA ASP A 113 -10.45 10.89 6.25
C ASP A 113 -9.89 9.59 5.68
N ARG A 114 -8.94 9.70 4.76
CA ARG A 114 -8.39 8.47 4.18
C ARG A 114 -7.59 7.70 5.23
N ALA A 115 -6.80 8.44 6.05
CA ALA A 115 -6.04 7.75 7.12
C ALA A 115 -7.03 7.03 8.08
N LEU A 116 -8.12 7.71 8.41
CA LEU A 116 -9.13 7.11 9.31
C LEU A 116 -9.71 5.84 8.72
N ALA A 117 -10.05 5.86 7.42
CA ALA A 117 -10.60 4.67 6.80
C ALA A 117 -9.60 3.53 6.90
N CYS A 118 -8.30 3.82 6.65
CA CYS A 118 -7.30 2.77 6.72
C CYS A 118 -7.19 2.20 8.14
N ARG A 119 -7.16 3.09 9.15
CA ARG A 119 -7.04 2.58 10.52
C ARG A 119 -8.27 1.74 10.88
N MET A 120 -9.45 2.17 10.41
CA MET A 120 -10.67 1.41 10.71
C MET A 120 -10.70 0.06 10.01
N LEU A 121 -10.18 -0.02 8.77
CA LEU A 121 -10.13 -1.30 8.10
C LEU A 121 -9.27 -2.28 8.91
N ALA A 122 -8.21 -1.75 9.56
CA ALA A 122 -7.27 -2.58 10.32
C ALA A 122 -7.73 -2.86 11.75
N ALA A 123 -8.74 -2.18 12.26
CA ALA A 123 -9.11 -2.37 13.66
C ALA A 123 -9.55 -3.79 13.97
N PRO A 124 -9.16 -4.31 15.13
CA PRO A 124 -9.55 -5.67 15.48
C PRO A 124 -11.05 -5.88 15.54
N ASP A 125 -11.79 -4.83 15.93
CA ASP A 125 -13.23 -4.94 16.01
C ASP A 125 -13.93 -4.43 14.73
N ALA A 126 -13.19 -4.28 13.63
CA ALA A 126 -13.84 -3.81 12.43
C ALA A 126 -15.03 -4.71 12.01
N GLN A 127 -16.09 -4.06 11.46
CA GLN A 127 -17.26 -4.76 10.98
C GLN A 127 -17.67 -4.13 9.65
N PRO A 128 -18.43 -4.84 8.83
CA PRO A 128 -18.84 -4.27 7.55
C PRO A 128 -19.49 -2.89 7.63
N SER A 129 -20.33 -2.70 8.65
CA SER A 129 -21.05 -1.45 8.80
C SER A 129 -20.15 -0.26 9.09
N HIS A 130 -18.88 -0.51 9.40
CA HIS A 130 -17.98 0.60 9.65
C HIS A 130 -17.55 1.32 8.38
N PHE A 131 -17.90 0.78 7.23
CA PHE A 131 -17.47 1.35 5.95
C PHE A 131 -18.61 1.71 5.06
N ARG A 132 -18.57 2.95 4.53
CA ARG A 132 -19.56 3.40 3.56
C ARG A 132 -19.00 2.96 2.19
N ARG A 133 -19.86 2.52 1.27
CA ARG A 133 -19.42 2.10 -0.06
C ARG A 133 -20.29 2.84 -1.08
N PRO A 134 -19.76 3.35 -2.17
CA PRO A 134 -18.36 3.38 -2.54
C PRO A 134 -17.73 4.50 -1.73
N GLY A 135 -16.44 4.71 -1.96
CA GLY A 135 -15.72 5.72 -1.22
C GLY A 135 -14.40 6.07 -1.89
N HIS A 136 -13.44 6.49 -1.06
CA HIS A 136 -12.18 7.03 -1.54
C HIS A 136 -10.91 6.30 -1.22
N VAL A 137 -11.03 5.15 -0.53
CA VAL A 137 -9.90 4.29 -0.21
C VAL A 137 -10.19 2.97 -0.92
N PHE A 138 -9.17 2.36 -1.46
CA PHE A 138 -9.29 1.17 -2.30
C PHE A 138 -8.65 -0.07 -1.72
N PRO A 139 -9.44 -0.87 -1.02
CA PRO A 139 -8.89 -2.13 -0.46
C PRO A 139 -8.49 -3.07 -1.58
N LEU A 140 -7.42 -3.83 -1.40
CA LEU A 140 -6.94 -4.75 -2.41
C LEU A 140 -6.77 -6.12 -1.77
N ARG A 141 -7.33 -7.16 -2.38
CA ARG A 141 -7.27 -8.53 -1.81
C ARG A 141 -6.01 -9.25 -2.18
N ALA A 142 -5.13 -9.45 -1.22
CA ALA A 142 -3.90 -10.18 -1.48
C ALA A 142 -4.27 -11.65 -1.73
N VAL A 143 -3.51 -12.34 -2.56
CA VAL A 143 -3.78 -13.75 -2.79
C VAL A 143 -3.31 -14.54 -1.57
N ALA A 144 -4.00 -15.67 -1.34
CA ALA A 144 -3.68 -16.52 -0.21
C ALA A 144 -2.23 -16.98 -0.14
N GLY A 145 -1.61 -17.16 -1.28
CA GLY A 145 -0.24 -17.66 -1.32
C GLY A 145 0.83 -16.63 -0.99
N GLY A 146 0.45 -15.36 -0.78
CA GLY A 146 1.42 -14.33 -0.43
C GLY A 146 2.39 -13.95 -1.51
N VAL A 147 3.51 -13.28 -1.12
CA VAL A 147 4.45 -12.81 -2.11
C VAL A 147 5.10 -13.87 -2.99
N ARG A 148 5.21 -15.09 -2.47
CA ARG A 148 5.80 -16.12 -3.30
C ARG A 148 4.88 -16.49 -4.48
N ALA A 149 3.58 -16.38 -4.26
CA ALA A 149 2.59 -16.72 -5.28
C ALA A 149 2.29 -15.58 -6.25
N ARG A 150 2.31 -14.33 -5.81
CA ARG A 150 2.03 -13.17 -6.66
C ARG A 150 2.96 -12.08 -6.16
N ARG A 151 3.88 -11.70 -7.00
CA ARG A 151 4.96 -10.79 -6.67
C ARG A 151 4.60 -9.32 -6.80
N GLY A 152 3.46 -8.98 -6.20
CA GLY A 152 2.95 -7.62 -6.30
C GLY A 152 3.04 -6.84 -5.01
N HIS A 153 2.84 -5.53 -5.13
CA HIS A 153 2.89 -4.69 -3.94
C HIS A 153 1.75 -5.00 -2.98
N THR A 154 0.61 -5.51 -3.49
CA THR A 154 -0.48 -5.89 -2.63
C THR A 154 0.00 -6.97 -1.67
N GLU A 155 0.57 -8.02 -2.25
CA GLU A 155 1.10 -9.10 -1.43
C GLU A 155 2.21 -8.61 -0.52
N ALA A 156 3.06 -7.75 -1.03
CA ALA A 156 4.17 -7.27 -0.24
C ALA A 156 3.68 -6.54 1.00
N GLY A 157 2.62 -5.74 0.87
CA GLY A 157 2.13 -5.02 2.03
C GLY A 157 1.59 -6.00 3.08
N VAL A 158 0.75 -6.98 2.63
CA VAL A 158 0.22 -7.93 3.59
C VAL A 158 1.34 -8.77 4.23
N GLU A 159 2.35 -9.09 3.43
CA GLU A 159 3.48 -9.88 3.93
C GLU A 159 4.20 -9.12 5.03
N LEU A 160 4.45 -7.83 4.81
CA LEU A 160 5.10 -7.02 5.82
C LEU A 160 4.29 -6.96 7.10
N CYS A 161 2.95 -6.86 6.97
CA CYS A 161 2.12 -6.85 8.17
C CYS A 161 2.34 -8.14 8.97
N ARG A 162 2.35 -9.27 8.27
CA ARG A 162 2.55 -10.55 8.95
C ARG A 162 3.92 -10.59 9.61
N LEU A 163 4.94 -10.24 8.84
CA LEU A 163 6.31 -10.29 9.33
C LEU A 163 6.57 -9.38 10.51
N ALA A 164 5.87 -8.25 10.56
CA ALA A 164 6.08 -7.28 11.64
C ALA A 164 5.10 -7.46 12.79
N GLY A 165 4.26 -8.48 12.72
CA GLY A 165 3.31 -8.70 13.80
C GLY A 165 2.19 -7.67 13.89
N LYS A 166 1.81 -7.08 12.74
CA LYS A 166 0.78 -6.07 12.69
C LYS A 166 -0.55 -6.63 12.25
N ARG A 167 -1.58 -5.79 12.35
CA ARG A 167 -2.90 -6.18 11.86
C ARG A 167 -2.73 -6.44 10.34
N PRO A 168 -3.54 -7.32 9.75
CA PRO A 168 -3.38 -7.75 8.36
C PRO A 168 -3.93 -6.78 7.31
N VAL A 169 -3.62 -5.49 7.46
CA VAL A 169 -4.07 -4.46 6.50
C VAL A 169 -2.92 -3.46 6.37
N ALA A 170 -2.50 -3.22 5.13
CA ALA A 170 -1.45 -2.27 4.84
C ALA A 170 -2.06 -1.12 4.02
N VAL A 171 -1.22 -0.15 3.69
CA VAL A 171 -1.59 0.99 2.84
C VAL A 171 -0.49 1.12 1.81
N ILE A 172 -0.83 1.20 0.51
CA ILE A 172 0.16 1.32 -0.52
C ILE A 172 -0.28 2.33 -1.57
N SER A 173 0.72 2.93 -2.23
CA SER A 173 0.50 3.83 -3.36
C SER A 173 1.82 3.95 -4.14
N GLU A 174 1.72 4.13 -5.47
CA GLU A 174 2.90 4.24 -6.29
C GLU A 174 3.60 5.59 -6.17
N ILE A 175 4.93 5.57 -6.14
CA ILE A 175 5.73 6.79 -6.07
C ILE A 175 5.90 7.31 -7.49
N VAL A 176 5.27 8.45 -7.80
CA VAL A 176 5.38 9.02 -9.15
C VAL A 176 6.56 9.98 -9.24
N ASP A 177 6.91 10.34 -10.50
CA ASP A 177 7.87 11.37 -10.76
C ASP A 177 6.96 12.53 -11.20
N ASP A 178 6.82 13.52 -10.33
CA ASP A 178 5.95 14.62 -10.69
C ASP A 178 6.55 15.59 -11.72
N GLY A 179 7.75 15.29 -12.24
CA GLY A 179 8.33 16.19 -13.20
C GLY A 179 8.72 17.53 -12.56
N GLN A 180 8.84 18.53 -13.42
CA GLN A 180 9.23 19.84 -12.93
C GLN A 180 8.14 20.86 -13.01
N GLU A 181 8.15 21.69 -11.98
CA GLU A 181 7.22 22.81 -11.92
C GLU A 181 7.55 23.75 -13.08
N VAL A 182 6.53 24.44 -13.57
CA VAL A 182 6.70 25.43 -14.66
C VAL A 182 6.02 26.66 -14.09
N GLU A 183 6.81 27.68 -13.78
CA GLU A 183 6.28 28.84 -13.11
C GLU A 183 5.07 29.42 -13.79
N GLY A 184 4.00 29.62 -13.03
CA GLY A 184 2.78 30.23 -13.60
C GLY A 184 1.97 29.42 -14.59
N ARG A 185 2.31 28.15 -14.81
CA ARG A 185 1.60 27.35 -15.81
C ARG A 185 1.12 26.06 -15.16
N ALA A 186 -0.10 25.64 -15.53
CA ALA A 186 -0.69 24.43 -14.96
C ALA A 186 -0.28 23.19 -15.69
N VAL A 187 1.03 22.94 -15.70
CA VAL A 187 1.63 21.78 -16.34
C VAL A 187 2.86 21.41 -15.53
N ARG A 188 3.32 20.17 -15.65
CA ARG A 188 4.60 19.77 -15.07
C ARG A 188 5.36 19.12 -16.20
N ALA A 189 6.60 19.53 -16.39
CA ALA A 189 7.37 18.95 -17.48
C ALA A 189 8.04 17.64 -17.11
N ALA A 190 8.11 16.77 -18.14
CA ALA A 190 8.78 15.49 -18.02
C ALA A 190 8.38 14.66 -16.80
N PRO A 191 7.09 14.45 -16.57
CA PRO A 191 6.67 13.59 -15.43
C PRO A 191 6.86 12.10 -15.82
N GLY A 192 6.68 11.19 -14.85
CA GLY A 192 6.83 9.76 -15.10
C GLY A 192 6.56 9.03 -13.81
N MET A 193 7.24 7.92 -13.68
CA MET A 193 7.22 7.08 -12.47
C MET A 193 8.61 7.07 -11.90
N LEU A 194 8.80 7.03 -10.59
CA LEU A 194 10.13 6.99 -10.07
C LEU A 194 10.68 5.59 -10.26
N ARG A 195 11.92 5.41 -10.71
CA ARG A 195 12.44 4.06 -10.89
C ARG A 195 13.79 3.80 -10.22
N GLY A 196 14.05 2.52 -9.94
CA GLY A 196 15.31 2.01 -9.40
C GLY A 196 16.06 2.94 -8.47
N ASP A 197 17.23 3.41 -8.92
CA ASP A 197 18.03 4.27 -8.08
C ASP A 197 17.38 5.54 -7.58
N GLU A 198 16.44 6.04 -8.38
CA GLU A 198 15.77 7.22 -7.93
C GLU A 198 14.88 6.93 -6.72
N CYS A 199 14.39 5.68 -6.69
CA CYS A 199 13.54 5.25 -5.60
C CYS A 199 14.37 5.13 -4.37
N VAL A 200 15.59 4.62 -4.52
CA VAL A 200 16.48 4.52 -3.38
C VAL A 200 16.81 5.89 -2.84
N ALA A 201 17.08 6.85 -3.77
CA ALA A 201 17.40 8.21 -3.35
C ALA A 201 16.27 8.87 -2.61
N PHE A 202 15.05 8.59 -3.10
CA PHE A 202 13.84 9.10 -2.43
C PHE A 202 13.76 8.55 -0.99
N ALA A 203 13.98 7.23 -0.84
CA ALA A 203 13.94 6.66 0.50
C ALA A 203 14.97 7.35 1.42
N ARG A 204 16.20 7.50 0.91
CA ARG A 204 17.23 8.10 1.76
C ARG A 204 16.91 9.50 2.18
N ARG A 205 16.36 10.28 1.24
CA ARG A 205 16.00 11.65 1.53
C ARG A 205 15.00 11.78 2.67
N TRP A 206 14.09 10.78 2.75
CA TRP A 206 13.03 10.79 3.71
C TRP A 206 13.24 9.89 4.92
N GLY A 207 14.45 9.34 5.08
CA GLY A 207 14.72 8.51 6.27
C GLY A 207 14.00 7.17 6.27
N LEU A 208 13.73 6.63 5.08
CA LEU A 208 12.98 5.36 4.96
C LEU A 208 13.84 4.21 4.54
N LYS A 209 13.42 3.00 4.87
CA LYS A 209 14.13 1.81 4.39
C LYS A 209 13.56 1.53 3.01
N VAL A 210 14.36 0.87 2.17
CA VAL A 210 13.99 0.57 0.78
C VAL A 210 14.44 -0.83 0.44
N CYS A 211 13.59 -1.56 -0.29
CA CYS A 211 13.93 -2.92 -0.63
C CYS A 211 13.22 -3.36 -1.90
N THR A 212 13.48 -4.59 -2.29
CA THR A 212 12.81 -5.20 -3.44
C THR A 212 11.89 -6.35 -3.00
N ILE A 213 10.83 -6.56 -3.77
CA ILE A 213 9.98 -7.72 -3.53
C ILE A 213 10.81 -8.99 -3.72
N GLU A 214 11.76 -8.98 -4.65
CA GLU A 214 12.60 -10.16 -4.82
C GLU A 214 13.33 -10.54 -3.53
N ASP A 215 13.90 -9.53 -2.84
CA ASP A 215 14.57 -9.85 -1.56
C ASP A 215 13.56 -10.28 -0.52
N MET A 216 12.34 -9.70 -0.57
CA MET A 216 11.30 -10.11 0.38
C MET A 216 10.94 -11.58 0.17
N ILE A 217 10.84 -12.00 -1.08
CA ILE A 217 10.57 -13.38 -1.37
C ILE A 217 11.70 -14.28 -0.85
N ALA A 218 12.94 -13.87 -1.06
CA ALA A 218 14.10 -14.62 -0.56
C ALA A 218 14.01 -14.77 0.96
N HIS A 219 13.56 -13.72 1.66
CA HIS A 219 13.42 -13.76 3.11
C HIS A 219 12.41 -14.82 3.52
N VAL A 220 11.24 -14.74 2.91
CA VAL A 220 10.17 -15.70 3.20
C VAL A 220 10.56 -17.16 2.90
N GLU A 221 11.30 -17.33 1.79
CA GLU A 221 11.78 -18.67 1.41
C GLU A 221 12.67 -19.31 2.49
N LYS A 222 13.33 -18.48 3.33
CA LYS A 222 14.18 -19.07 4.37
C LYS A 222 13.35 -19.95 5.28
N THR A 223 12.10 -19.58 5.46
CA THR A 223 11.19 -20.35 6.30
C THR A 223 10.28 -21.30 5.51
N GLU A 224 9.77 -20.84 4.35
CA GLU A 224 8.85 -21.64 3.57
C GLU A 224 9.41 -22.42 2.39
N GLY A 225 10.68 -22.22 2.01
CA GLY A 225 11.19 -22.87 0.82
C GLY A 225 10.60 -22.18 -0.45
N LYS A 226 11.09 -22.56 -1.62
CA LYS A 226 10.58 -21.99 -2.84
C LYS A 226 9.18 -22.56 -3.11
N LEU A 227 8.29 -21.71 -3.63
CA LEU A 227 6.95 -22.17 -3.93
C LEU A 227 7.04 -23.11 -5.11
S SO4 B . -0.04 -4.82 -7.42
O1 SO4 B . -0.19 -5.72 -6.22
O2 SO4 B . 1.32 -4.19 -7.32
O3 SO4 B . -1.11 -3.80 -7.33
O4 SO4 B . -0.08 -5.65 -8.63
S SO4 C . -13.90 -13.42 -7.16
O1 SO4 C . -12.61 -12.74 -7.52
O2 SO4 C . -14.08 -13.00 -5.68
O3 SO4 C . -13.64 -14.86 -7.23
O4 SO4 C . -14.97 -12.83 -7.93
MN MN D . 2.06 -2.14 -7.79
C1 GOL E . -2.12 -0.13 -7.80
O1 GOL E . -2.26 0.31 -9.16
C2 GOL E . -0.64 -0.48 -7.56
O2 GOL E . -0.18 -1.60 -8.36
C3 GOL E . -0.35 -0.88 -6.12
O3 GOL E . 1.05 -1.19 -6.10
#